data_7E1C
#
_entry.id   7E1C
#
_cell.length_a   52.420
_cell.length_b   68.090
_cell.length_c   54.570
_cell.angle_alpha   90.000
_cell.angle_beta   91.730
_cell.angle_gamma   90.000
#
_symmetry.space_group_name_H-M   'P 1 21 1'
#
loop_
_entity.id
_entity.type
_entity.pdbx_description
1 polymer 'Cell shape-determining protein MreB'
2 non-polymer 'ACETATE ION'
3 non-polymer 'CALCIUM ION'
4 water water
#
_entity_poly.entity_id   1
_entity_poly.type   'polypeptide(L)'
_entity_poly.pdbx_seq_one_letter_code
;GSHMTITDVLKNTFNISPKPPRKFIAIDLGTTNSIAYIGGRGIIYNEASVMAYETGT(MLY)(MLY)LVALGEDARKLIG
KTHDKIEIYTPLRNGAITDLRIAEEFIQHIGNRAKVQDVWKGSIVLIACPKSVTELERRAMVEMC(MLY)HLGADLVQVE
EDTLMAALGAGANIFAPKGTFILDIGGG(MLY)TSAGIISAGGIVVSKSIKIAGNYIDEEIL(MLY)YIRAKHTISIGVV
TAEQI(MLY)KQIGSLY(MLY)GKET(MLY)(MLY)MVIFGRDVVTGMP(MLY)ETEILDSEIR(MLY)LLISIFSSITQ
LVTDILESTPAELAGDAVMNGLLVSGGCAQISGL(MLY)EFLESYFQIPV(MLY)IAKNPQTAVIDGCIAYEKEIRDRLI
EENKKNK
;
_entity_poly.pdbx_strand_id   A
#
# COMPACT_ATOMS: atom_id res chain seq x y z
N PRO A 20 5.04 -33.75 7.31
CA PRO A 20 4.32 -32.49 7.53
C PRO A 20 5.08 -31.29 6.99
N PRO A 21 4.46 -30.54 6.07
CA PRO A 21 5.16 -29.40 5.46
C PRO A 21 5.31 -28.24 6.43
N ARG A 22 6.31 -27.41 6.15
CA ARG A 22 6.53 -26.21 6.94
C ARG A 22 5.41 -25.21 6.73
N LYS A 23 5.04 -24.50 7.80
CA LYS A 23 4.02 -23.46 7.68
C LYS A 23 4.56 -22.30 6.85
N PHE A 24 3.70 -21.75 6.01
CA PHE A 24 4.03 -20.59 5.20
C PHE A 24 3.41 -19.35 5.81
N ILE A 25 4.22 -18.33 6.04
CA ILE A 25 3.79 -17.05 6.60
C ILE A 25 4.21 -15.96 5.63
N ALA A 26 3.23 -15.14 5.21
CA ALA A 26 3.50 -14.02 4.32
C ALA A 26 3.12 -12.72 5.02
N ILE A 27 4.01 -11.73 4.97
CA ILE A 27 3.75 -10.43 5.59
C ILE A 27 3.94 -9.36 4.52
N ASP A 28 2.85 -8.66 4.20
CA ASP A 28 2.90 -7.45 3.38
C ASP A 28 3.07 -6.28 4.34
N LEU A 29 4.31 -5.84 4.53
CA LEU A 29 4.58 -4.74 5.45
C LEU A 29 3.72 -3.51 5.12
N GLY A 30 3.49 -3.26 3.83
CA GLY A 30 2.55 -2.24 3.39
C GLY A 30 3.04 -0.84 3.70
N THR A 31 2.27 0.15 3.25
CA THR A 31 2.70 1.50 3.53
C THR A 31 1.89 2.17 4.63
N THR A 32 0.59 1.88 4.75
CA THR A 32 -0.20 2.35 5.89
C THR A 32 -0.78 1.19 6.69
N ASN A 33 -1.33 0.19 6.01
CA ASN A 33 -1.78 -1.04 6.63
C ASN A 33 -0.78 -2.15 6.31
N SER A 34 -0.61 -3.07 7.24
CA SER A 34 0.08 -4.33 6.99
C SER A 34 -0.94 -5.44 6.85
N ILE A 35 -0.59 -6.46 6.07
CA ILE A 35 -1.43 -7.64 5.88
C ILE A 35 -0.58 -8.88 6.11
N ALA A 36 -1.10 -9.82 6.87
CA ALA A 36 -0.39 -11.07 7.15
C ALA A 36 -1.26 -12.26 6.80
N TYR A 37 -0.63 -13.28 6.23
CA TYR A 37 -1.28 -14.50 5.82
C TYR A 37 -0.52 -15.69 6.39
N ILE A 38 -1.25 -16.69 6.90
CA ILE A 38 -0.67 -17.95 7.33
C ILE A 38 -1.35 -19.08 6.57
N GLY A 39 -0.55 -19.94 5.96
CA GLY A 39 -1.09 -21.10 5.27
C GLY A 39 -1.97 -21.95 6.17
N GLY A 40 -3.14 -22.34 5.68
CA GLY A 40 -4.10 -23.08 6.48
C GLY A 40 -4.98 -22.22 7.36
N ARG A 41 -4.64 -20.96 7.56
CA ARG A 41 -5.44 -20.03 8.34
C ARG A 41 -6.04 -18.90 7.50
N GLY A 42 -5.35 -18.47 6.45
CA GLY A 42 -5.80 -17.34 5.67
C GLY A 42 -5.15 -16.05 6.12
N ILE A 43 -5.77 -14.94 5.76
CA ILE A 43 -5.32 -13.63 6.19
C ILE A 43 -5.76 -13.42 7.64
N ILE A 44 -4.80 -13.25 8.54
CA ILE A 44 -5.10 -13.09 9.97
C ILE A 44 -4.95 -11.64 10.44
N TYR A 45 -4.43 -10.75 9.60
CA TYR A 45 -4.23 -9.35 9.99
C TYR A 45 -4.32 -8.50 8.74
N ASN A 46 -5.05 -7.39 8.83
CA ASN A 46 -5.20 -6.45 7.72
C ASN A 46 -5.73 -5.12 8.25
N GLU A 47 -4.85 -4.27 8.78
CA GLU A 47 -5.24 -2.98 9.33
C GLU A 47 -3.97 -2.17 9.60
N ALA A 48 -4.13 -1.02 10.27
CA ALA A 48 -3.06 -0.05 10.42
C ALA A 48 -1.82 -0.66 11.09
N SER A 49 -0.64 -0.20 10.66
CA SER A 49 0.61 -0.65 11.27
C SER A 49 0.93 0.24 12.47
N VAL A 50 0.11 0.09 13.51
CA VAL A 50 0.18 0.92 14.70
C VAL A 50 -0.09 0.04 15.90
N MET A 51 0.52 0.38 17.04
CA MET A 51 0.24 -0.32 18.29
C MET A 51 0.31 0.67 19.44
N ALA A 52 -0.40 0.35 20.51
CA ALA A 52 -0.48 1.21 21.68
C ALA A 52 -0.24 0.40 22.94
N TYR A 53 0.55 0.95 23.86
CA TYR A 53 0.86 0.33 25.13
C TYR A 53 0.52 1.26 26.28
N GLU A 54 0.23 0.68 27.44
CA GLU A 54 0.22 1.49 28.65
C GLU A 54 1.58 2.16 28.81
N THR A 55 1.56 3.43 29.22
CA THR A 55 2.77 4.24 29.23
C THR A 55 3.86 3.59 30.07
N GLY A 56 5.08 3.56 29.52
CA GLY A 56 6.22 2.98 30.20
C GLY A 56 6.21 1.47 30.30
N THR A 57 5.31 0.80 29.57
CA THR A 57 5.19 -0.65 29.65
C THR A 57 5.20 -1.27 28.25
N LEU A 60 0.17 -4.33 25.90
CA LEU A 60 -0.55 -3.92 24.71
C LEU A 60 -2.02 -3.61 25.03
N VAL A 61 -2.46 -2.40 24.68
CA VAL A 61 -3.85 -2.01 24.87
C VAL A 61 -4.62 -1.98 23.55
N ALA A 62 -3.96 -1.78 22.42
CA ALA A 62 -4.64 -1.67 21.14
C ALA A 62 -3.65 -1.98 20.03
N LEU A 63 -4.14 -2.63 18.98
CA LEU A 63 -3.33 -2.98 17.83
C LEU A 63 -4.12 -2.70 16.56
N GLY A 64 -3.45 -2.11 15.57
CA GLY A 64 -4.09 -1.88 14.28
C GLY A 64 -5.02 -0.69 14.34
N GLU A 65 -6.25 -0.88 13.86
CA GLU A 65 -7.21 0.22 13.81
C GLU A 65 -7.50 0.76 15.21
N ASP A 66 -7.67 -0.13 16.20
CA ASP A 66 -7.97 0.31 17.56
C ASP A 66 -6.90 1.26 18.10
N ALA A 67 -5.67 1.15 17.62
CA ALA A 67 -4.58 2.00 18.06
C ALA A 67 -4.47 3.27 17.23
N ARG A 68 -4.71 3.17 15.92
CA ARG A 68 -4.64 4.34 15.05
C ARG A 68 -5.68 5.39 15.42
N LYS A 69 -6.86 4.95 15.91
CA LYS A 69 -7.90 5.89 16.32
C LYS A 69 -7.38 6.88 17.35
N LEU A 70 -6.63 6.38 18.34
CA LEU A 70 -6.25 7.17 19.50
C LEU A 70 -5.18 8.22 19.20
N ILE A 71 -4.63 8.24 17.98
CA ILE A 71 -3.57 9.19 17.66
C ILE A 71 -4.05 10.63 17.88
N GLY A 72 -5.35 10.86 17.81
CA GLY A 72 -5.92 12.17 18.14
C GLY A 72 -5.55 12.79 19.48
N LYS A 73 -5.94 12.14 20.58
CA LYS A 73 -5.54 12.55 21.93
C LYS A 73 -5.50 11.23 22.70
N THR A 74 -4.32 10.63 22.76
CA THR A 74 -4.14 9.37 23.48
C THR A 74 -4.28 9.61 24.97
N HIS A 75 -5.02 8.72 25.63
CA HIS A 75 -5.06 8.71 27.09
C HIS A 75 -3.63 8.82 27.61
N ASP A 76 -3.44 9.59 28.68
CA ASP A 76 -2.07 9.86 29.13
C ASP A 76 -1.36 8.60 29.60
N LYS A 77 -2.10 7.62 30.11
CA LYS A 77 -1.51 6.36 30.52
C LYS A 77 -1.38 5.40 29.35
N ILE A 78 -1.15 5.92 28.15
CA ILE A 78 -1.08 5.11 26.93
C ILE A 78 -0.08 5.75 25.97
N GLU A 79 0.81 4.93 25.42
CA GLU A 79 1.79 5.35 24.44
C GLU A 79 1.52 4.63 23.13
N ILE A 80 1.45 5.38 22.03
CA ILE A 80 1.21 4.82 20.71
C ILE A 80 2.52 4.72 19.97
N TYR A 81 2.76 3.58 19.34
CA TYR A 81 3.95 3.30 18.55
C TYR A 81 3.57 3.02 17.11
N THR A 82 4.37 3.54 16.18
CA THR A 82 4.12 3.40 14.75
C THR A 82 5.32 2.70 14.13
N PRO A 83 5.32 1.37 14.07
CA PRO A 83 6.49 0.67 13.51
C PRO A 83 6.72 0.96 12.05
N LEU A 84 5.66 1.30 11.32
CA LEU A 84 5.75 1.57 9.88
C LEU A 84 5.01 2.87 9.61
N ARG A 85 5.75 3.90 9.22
CA ARG A 85 5.18 5.22 8.91
C ARG A 85 5.28 5.42 7.40
N ASN A 86 4.14 5.33 6.71
CA ASN A 86 4.08 5.44 5.25
C ASN A 86 5.00 4.43 4.57
N GLY A 87 5.17 3.26 5.17
CA GLY A 87 6.07 2.25 4.64
C GLY A 87 7.49 2.31 5.13
N ALA A 88 7.83 3.30 5.97
CA ALA A 88 9.18 3.45 6.50
C ALA A 88 9.28 2.77 7.86
N ILE A 89 10.33 1.97 8.05
CA ILE A 89 10.61 1.34 9.33
C ILE A 89 11.18 2.40 10.27
N THR A 90 10.42 2.72 11.32
CA THR A 90 10.89 3.75 12.25
C THR A 90 11.96 3.22 13.20
N ASP A 91 11.89 1.93 13.57
CA ASP A 91 12.82 1.35 14.53
C ASP A 91 12.77 -0.17 14.44
N LEU A 92 13.91 -0.83 14.25
CA LEU A 92 13.93 -2.26 13.99
C LEU A 92 13.42 -3.07 15.18
N ARG A 93 13.70 -2.59 16.41
CA ARG A 93 13.18 -3.29 17.56
C ARG A 93 11.68 -3.11 17.68
N ILE A 94 11.19 -1.91 17.34
CA ILE A 94 9.75 -1.67 17.30
C ILE A 94 9.10 -2.47 16.17
N ALA A 95 9.82 -2.65 15.06
CA ALA A 95 9.27 -3.44 13.96
C ALA A 95 9.15 -4.90 14.34
N GLU A 96 10.10 -5.41 15.13
CA GLU A 96 9.99 -6.78 15.64
C GLU A 96 8.80 -6.94 16.57
N GLU A 97 8.59 -5.99 17.49
CA GLU A 97 7.40 -6.04 18.34
C GLU A 97 6.14 -6.19 17.50
N PHE A 98 6.04 -5.41 16.43
CA PHE A 98 4.83 -5.42 15.61
C PHE A 98 4.67 -6.75 14.89
N ILE A 99 5.75 -7.27 14.32
CA ILE A 99 5.72 -8.57 13.65
C ILE A 99 5.34 -9.67 14.64
N GLN A 100 5.85 -9.60 15.88
CA GLN A 100 5.48 -10.57 16.90
C GLN A 100 3.99 -10.45 17.25
N HIS A 101 3.46 -9.23 17.31
CA HIS A 101 2.03 -9.06 17.59
C HIS A 101 1.18 -9.67 16.48
N ILE A 102 1.64 -9.53 15.23
CA ILE A 102 0.93 -10.14 14.11
C ILE A 102 0.89 -11.66 14.26
N GLY A 103 2.03 -12.27 14.51
CA GLY A 103 2.07 -13.72 14.69
C GLY A 103 1.24 -14.19 15.86
N ASN A 104 1.11 -13.37 16.90
CA ASN A 104 0.26 -13.74 18.03
C ASN A 104 -1.19 -13.90 17.62
N ARG A 105 -1.63 -13.25 16.53
CA ARG A 105 -2.99 -13.40 16.05
C ARG A 105 -3.33 -14.86 15.75
N ALA A 106 -2.35 -15.63 15.31
CA ALA A 106 -2.59 -17.03 14.98
C ALA A 106 -3.02 -17.85 16.19
N LYS A 107 -2.72 -17.38 17.40
CA LYS A 107 -3.10 -18.06 18.64
C LYS A 107 -2.57 -19.49 18.71
N VAL A 108 -1.41 -19.72 18.09
CA VAL A 108 -0.77 -21.03 18.07
C VAL A 108 0.62 -20.89 18.66
N GLN A 109 0.94 -21.74 19.63
CA GLN A 109 2.28 -21.74 20.22
C GLN A 109 3.32 -22.05 19.15
N ASP A 110 4.40 -21.26 19.14
CA ASP A 110 5.52 -21.48 18.24
C ASP A 110 5.11 -21.39 16.78
N VAL A 111 4.43 -20.30 16.41
CA VAL A 111 3.96 -20.17 15.05
C VAL A 111 5.12 -20.01 14.07
N TRP A 112 6.26 -19.51 14.53
CA TRP A 112 7.39 -19.28 13.66
C TRP A 112 8.29 -20.50 13.48
N LYS A 113 8.17 -21.50 14.35
CA LYS A 113 9.14 -22.59 14.40
C LYS A 113 9.13 -23.40 13.11
N GLY A 114 10.28 -23.44 12.43
CA GLY A 114 10.39 -24.18 11.19
C GLY A 114 9.58 -23.63 10.05
N SER A 115 9.12 -22.39 10.14
CA SER A 115 8.24 -21.84 9.12
C SER A 115 9.03 -21.29 7.94
N ILE A 116 8.32 -21.09 6.84
CA ILE A 116 8.81 -20.36 5.67
C ILE A 116 8.15 -18.99 5.69
N VAL A 117 8.96 -17.93 5.67
CA VAL A 117 8.48 -16.57 5.86
C VAL A 117 8.81 -15.76 4.62
N LEU A 118 7.79 -15.14 4.01
CA LEU A 118 7.96 -14.22 2.91
C LEU A 118 7.51 -12.83 3.35
N ILE A 119 8.39 -11.84 3.22
CA ILE A 119 8.11 -10.47 3.61
C ILE A 119 8.17 -9.60 2.36
N ALA A 120 7.08 -8.90 2.08
CA ALA A 120 7.03 -7.93 0.99
C ALA A 120 7.20 -6.53 1.56
N CYS A 121 8.12 -5.76 0.99
CA CYS A 121 8.46 -4.46 1.55
C CYS A 121 8.64 -3.45 0.42
N PRO A 122 8.47 -2.16 0.72
CA PRO A 122 8.84 -1.12 -0.25
C PRO A 122 10.34 -1.08 -0.47
N LYS A 123 10.74 -0.56 -1.63
CA LYS A 123 12.16 -0.56 -2.00
C LYS A 123 12.98 0.30 -1.06
N SER A 124 12.36 1.31 -0.44
CA SER A 124 13.06 2.17 0.49
C SER A 124 13.59 1.42 1.71
N VAL A 125 13.03 0.25 2.02
CA VAL A 125 13.61 -0.58 3.06
C VAL A 125 14.98 -1.02 2.60
N THR A 126 16.02 -0.60 3.32
CA THR A 126 17.39 -0.82 2.88
C THR A 126 17.73 -2.30 2.92
N GLU A 127 18.81 -2.65 2.19
CA GLU A 127 19.30 -4.01 2.24
C GLU A 127 19.69 -4.40 3.66
N LEU A 128 20.21 -3.44 4.43
CA LEU A 128 20.51 -3.67 5.84
C LEU A 128 19.25 -4.05 6.60
N GLU A 129 18.16 -3.30 6.40
CA GLU A 129 16.93 -3.57 7.13
C GLU A 129 16.32 -4.91 6.70
N ARG A 130 16.38 -5.22 5.41
CA ARG A 130 15.86 -6.51 4.95
C ARG A 130 16.66 -7.67 5.53
N ARG A 131 17.99 -7.56 5.54
CA ARG A 131 18.81 -8.61 6.14
C ARG A 131 18.57 -8.70 7.65
N ALA A 132 18.29 -7.58 8.31
CA ALA A 132 17.97 -7.62 9.73
C ALA A 132 16.67 -8.35 9.99
N MET A 133 15.67 -8.14 9.13
CA MET A 133 14.39 -8.84 9.29
C MET A 133 14.53 -10.33 9.03
N VAL A 134 15.45 -10.73 8.15
CA VAL A 134 15.73 -12.15 7.94
C VAL A 134 16.29 -12.77 9.22
N GLU A 135 17.31 -12.14 9.80
CA GLU A 135 17.86 -12.65 11.05
C GLU A 135 16.83 -12.61 12.17
N MET A 136 15.95 -11.61 12.17
CA MET A 136 14.96 -11.48 13.22
C MET A 136 13.96 -12.64 13.18
N CYS A 137 13.52 -13.00 11.98
CA CYS A 137 12.51 -14.03 11.80
C CYS A 137 13.12 -15.42 12.03
N HIS A 139 15.63 -15.91 14.10
CA HIS A 139 15.78 -15.99 15.54
C HIS A 139 14.45 -16.40 16.19
N LEU A 140 13.33 -15.94 15.60
CA LEU A 140 12.01 -16.37 16.07
C LEU A 140 11.77 -17.85 15.83
N GLY A 141 12.44 -18.46 14.85
CA GLY A 141 12.34 -19.88 14.62
C GLY A 141 12.17 -20.30 13.17
N ALA A 142 12.08 -19.32 12.27
CA ALA A 142 11.86 -19.63 10.85
C ALA A 142 13.04 -20.41 10.28
N ASP A 143 12.72 -21.37 9.41
CA ASP A 143 13.76 -22.08 8.66
C ASP A 143 14.24 -21.28 7.47
N LEU A 144 13.36 -20.48 6.88
CA LEU A 144 13.71 -19.73 5.67
C LEU A 144 12.94 -18.43 5.66
N VAL A 145 13.65 -17.34 5.35
CA VAL A 145 13.05 -16.01 5.28
C VAL A 145 13.50 -15.36 3.99
N GLN A 146 12.54 -14.88 3.21
CA GLN A 146 12.82 -14.23 1.94
C GLN A 146 12.11 -12.88 1.91
N VAL A 147 12.81 -11.85 1.42
CA VAL A 147 12.28 -10.50 1.33
C VAL A 147 12.20 -10.10 -0.14
N GLU A 148 11.02 -9.68 -0.57
CA GLU A 148 10.78 -9.23 -1.94
C GLU A 148 10.17 -7.84 -1.92
N GLU A 149 10.29 -7.15 -3.04
CA GLU A 149 9.73 -5.81 -3.14
C GLU A 149 8.23 -5.88 -3.42
N ASP A 150 7.51 -4.88 -2.92
CA ASP A 150 6.05 -4.93 -3.00
C ASP A 150 5.58 -4.86 -4.45
N THR A 151 6.26 -4.09 -5.31
CA THR A 151 5.81 -3.97 -6.69
C THR A 151 5.92 -5.28 -7.45
N LEU A 152 6.91 -6.10 -7.13
CA LEU A 152 6.99 -7.43 -7.74
C LEU A 152 5.82 -8.30 -7.33
N MET A 153 5.48 -8.30 -6.04
CA MET A 153 4.37 -9.11 -5.57
C MET A 153 3.03 -8.56 -6.04
N ALA A 154 2.89 -7.24 -6.10
CA ALA A 154 1.63 -6.65 -6.54
C ALA A 154 1.30 -7.06 -7.98
N ALA A 155 2.32 -7.10 -8.85
CA ALA A 155 2.10 -7.49 -10.23
C ALA A 155 1.65 -8.94 -10.32
N LEU A 156 2.31 -9.84 -9.59
CA LEU A 156 1.89 -11.24 -9.57
C LEU A 156 0.48 -11.38 -9.01
N GLY A 157 0.19 -10.67 -7.93
CA GLY A 157 -1.14 -10.77 -7.34
C GLY A 157 -2.23 -10.24 -8.25
N ALA A 158 -1.94 -9.18 -9.00
CA ALA A 158 -2.91 -8.58 -9.91
C ALA A 158 -3.13 -9.40 -11.18
N GLY A 159 -2.36 -10.46 -11.39
CA GLY A 159 -2.58 -11.35 -12.51
C GLY A 159 -1.56 -11.29 -13.62
N ALA A 160 -0.42 -10.62 -13.40
CA ALA A 160 0.62 -10.54 -14.41
C ALA A 160 1.58 -11.71 -14.28
N ASN A 161 2.07 -12.19 -15.43
CA ASN A 161 3.06 -13.27 -15.44
C ASN A 161 4.44 -12.64 -15.30
N ILE A 162 4.82 -12.40 -14.04
CA ILE A 162 6.09 -11.76 -13.75
C ILE A 162 7.28 -12.62 -14.13
N PHE A 163 7.06 -13.93 -14.34
CA PHE A 163 8.14 -14.84 -14.66
C PHE A 163 8.49 -14.85 -16.14
N ALA A 164 7.58 -14.40 -17.00
CA ALA A 164 7.86 -14.37 -18.42
C ALA A 164 8.89 -13.29 -18.75
N PRO A 165 9.66 -13.47 -19.83
CA PRO A 165 10.60 -12.42 -20.23
C PRO A 165 9.93 -11.15 -20.74
N LYS A 166 8.64 -11.21 -21.08
CA LYS A 166 7.92 -10.02 -21.50
C LYS A 166 7.95 -8.96 -20.40
N GLY A 167 7.90 -7.70 -20.82
CA GLY A 167 7.94 -6.60 -19.87
C GLY A 167 6.58 -6.39 -19.23
N THR A 168 6.57 -6.34 -17.90
CA THR A 168 5.39 -6.01 -17.11
C THR A 168 5.59 -4.63 -16.49
N PHE A 169 4.59 -3.77 -16.66
CA PHE A 169 4.67 -2.38 -16.18
C PHE A 169 3.58 -2.18 -15.14
N ILE A 170 3.98 -1.89 -13.91
CA ILE A 170 3.09 -1.91 -12.76
C ILE A 170 3.10 -0.54 -12.10
N LEU A 171 1.93 -0.10 -11.65
CA LEU A 171 1.79 1.12 -10.87
C LEU A 171 0.95 0.79 -9.65
N ASP A 172 1.49 1.02 -8.45
CA ASP A 172 0.78 0.71 -7.21
C ASP A 172 0.58 1.99 -6.41
N ILE A 173 -0.67 2.42 -6.29
CA ILE A 173 -1.03 3.63 -5.55
C ILE A 173 -1.61 3.17 -4.22
N GLY A 174 -0.80 3.18 -3.18
CA GLY A 174 -1.20 2.78 -1.84
C GLY A 174 -1.58 3.95 -0.96
N GLY A 175 -1.46 3.75 0.35
CA GLY A 175 -1.79 4.78 1.32
C GLY A 175 -0.71 5.82 1.51
N GLY A 176 0.53 5.39 1.70
CA GLY A 176 1.60 6.34 1.95
C GLY A 176 2.69 6.40 0.89
N THR A 178 3.36 5.72 -3.55
CA THR A 178 3.02 5.26 -4.90
C THR A 178 4.30 4.79 -5.57
N SER A 179 4.31 3.56 -6.06
CA SER A 179 5.49 3.00 -6.70
C SER A 179 5.15 2.54 -8.10
N ALA A 180 6.16 2.57 -8.97
CA ALA A 180 6.01 2.11 -10.34
C ALA A 180 7.29 1.41 -10.75
N GLY A 181 7.16 0.36 -11.56
CA GLY A 181 8.34 -0.37 -11.94
C GLY A 181 8.15 -1.17 -13.22
N ILE A 182 9.27 -1.66 -13.73
CA ILE A 182 9.32 -2.56 -14.87
C ILE A 182 9.78 -3.92 -14.37
N ILE A 183 9.04 -4.97 -14.73
CA ILE A 183 9.31 -6.33 -14.28
C ILE A 183 9.54 -7.21 -15.51
N SER A 184 10.55 -8.08 -15.43
CA SER A 184 10.82 -9.03 -16.49
C SER A 184 11.55 -10.23 -15.92
N ALA A 185 11.10 -11.43 -16.31
CA ALA A 185 11.77 -12.69 -15.98
C ALA A 185 11.92 -12.86 -14.46
N GLY A 186 10.79 -12.75 -13.76
CA GLY A 186 10.75 -13.01 -12.34
C GLY A 186 11.39 -11.98 -11.45
N GLY A 187 11.91 -10.88 -12.00
CA GLY A 187 12.61 -9.89 -11.20
C GLY A 187 12.27 -8.48 -11.61
N ILE A 188 12.68 -7.55 -10.76
CA ILE A 188 12.44 -6.12 -10.98
C ILE A 188 13.56 -5.56 -11.83
N VAL A 189 13.22 -4.97 -12.98
CA VAL A 189 14.19 -4.32 -13.83
C VAL A 189 14.52 -2.92 -13.33
N VAL A 190 13.51 -2.16 -12.92
CA VAL A 190 13.70 -0.83 -12.36
C VAL A 190 12.42 -0.48 -11.63
N SER A 191 12.55 0.34 -10.58
CA SER A 191 11.38 0.78 -9.83
C SER A 191 11.73 2.07 -9.08
N LYS A 192 10.73 2.92 -8.92
CA LYS A 192 10.84 4.16 -8.17
C LYS A 192 9.56 4.35 -7.37
N SER A 193 9.63 5.23 -6.36
CA SER A 193 8.48 5.49 -5.52
C SER A 193 8.42 6.97 -5.18
N ILE A 194 7.21 7.45 -4.89
CA ILE A 194 7.00 8.82 -4.44
C ILE A 194 6.06 8.80 -3.23
N LYS A 195 5.99 9.94 -2.55
CA LYS A 195 5.18 10.08 -1.35
C LYS A 195 3.76 10.53 -1.65
N ILE A 196 3.42 10.79 -2.91
CA ILE A 196 2.08 11.23 -3.28
C ILE A 196 1.21 9.99 -3.46
N ALA A 197 0.36 9.72 -2.48
CA ALA A 197 -0.52 8.56 -2.55
C ALA A 197 -1.84 8.82 -1.84
N GLY A 198 -2.46 7.77 -1.32
CA GLY A 198 -3.83 7.89 -0.83
C GLY A 198 -3.96 8.86 0.33
N ASN A 199 -3.07 8.76 1.31
CA ASN A 199 -3.16 9.65 2.47
C ASN A 199 -2.95 11.09 2.06
N TYR A 200 -2.00 11.36 1.16
CA TYR A 200 -1.79 12.71 0.67
C TYR A 200 -3.06 13.24 0.01
N ILE A 201 -3.70 12.41 -0.81
CA ILE A 201 -4.90 12.83 -1.54
C ILE A 201 -6.00 13.24 -0.57
N ASP A 202 -6.25 12.41 0.44
CA ASP A 202 -7.26 12.73 1.45
C ASP A 202 -6.94 14.04 2.16
N GLU A 203 -5.68 14.23 2.54
CA GLU A 203 -5.30 15.45 3.23
C GLU A 203 -5.40 16.66 2.31
N GLU A 204 -5.12 16.50 1.01
CA GLU A 204 -5.21 17.62 0.09
C GLU A 204 -6.67 17.99 -0.19
N ILE A 205 -7.57 17.00 -0.20
CA ILE A 205 -9.00 17.32 -0.29
C ILE A 205 -9.42 18.15 0.92
N LEU A 206 -9.00 17.74 2.11
CA LEU A 206 -9.24 18.50 3.35
C LEU A 206 -8.74 19.94 3.21
N TYR A 208 -8.01 21.63 0.47
CA TYR A 208 -8.70 22.36 -0.59
C TYR A 208 -10.03 22.91 -0.09
N ILE A 209 -10.77 22.07 0.63
CA ILE A 209 -12.08 22.48 1.12
C ILE A 209 -11.95 23.56 2.19
N ARG A 210 -10.90 23.52 3.01
CA ARG A 210 -10.69 24.60 3.97
C ARG A 210 -10.36 25.91 3.27
N ALA A 211 -9.54 25.87 2.22
CA ALA A 211 -9.13 27.09 1.54
C ALA A 211 -10.24 27.65 0.66
N LYS A 212 -10.99 26.78 -0.02
CA LYS A 212 -11.97 27.22 -1.00
C LYS A 212 -13.36 27.40 -0.41
N HIS A 213 -13.73 26.61 0.59
CA HIS A 213 -15.05 26.71 1.20
C HIS A 213 -15.02 27.17 2.64
N THR A 214 -13.84 27.48 3.17
CA THR A 214 -13.65 27.99 4.53
C THR A 214 -14.36 27.12 5.56
N ILE A 215 -14.23 25.81 5.40
CA ILE A 215 -14.75 24.82 6.33
C ILE A 215 -13.69 23.74 6.52
N SER A 216 -13.47 23.33 7.77
CA SER A 216 -12.56 22.23 8.08
C SER A 216 -13.36 20.95 8.24
N ILE A 217 -13.08 19.97 7.39
CA ILE A 217 -13.69 18.64 7.49
C ILE A 217 -12.70 17.69 8.12
N GLY A 218 -13.21 16.55 8.58
CA GLY A 218 -12.36 15.49 9.06
C GLY A 218 -11.85 14.61 7.93
N VAL A 219 -10.83 13.82 8.26
CA VAL A 219 -10.20 12.92 7.27
C VAL A 219 -11.23 11.97 6.69
N VAL A 220 -12.16 11.49 7.53
CA VAL A 220 -13.14 10.52 7.04
C VAL A 220 -14.07 11.14 6.02
N THR A 221 -14.48 12.39 6.24
CA THR A 221 -15.28 13.09 5.23
C THR A 221 -14.48 13.29 3.95
N ALA A 222 -13.19 13.61 4.07
CA ALA A 222 -12.35 13.76 2.89
C ALA A 222 -12.29 12.46 2.10
N GLU A 223 -12.10 11.33 2.80
CA GLU A 223 -12.09 10.03 2.13
C GLU A 223 -13.43 9.76 1.45
N GLN A 224 -14.53 10.14 2.09
CA GLN A 224 -15.85 9.89 1.53
C GLN A 224 -16.09 10.71 0.27
N ILE A 225 -15.60 11.95 0.25
CA ILE A 225 -15.68 12.79 -0.93
C ILE A 225 -14.98 12.12 -2.08
N LYS A 227 -14.25 8.92 -2.50
CA LYS A 227 -14.98 7.72 -2.92
C LYS A 227 -16.29 8.03 -3.64
N GLN A 228 -17.06 8.97 -3.09
CA GLN A 228 -18.42 9.20 -3.57
C GLN A 228 -18.45 9.99 -4.87
N ILE A 229 -17.66 11.07 -4.97
CA ILE A 229 -17.71 11.94 -6.13
C ILE A 229 -16.34 12.16 -6.77
N GLY A 230 -15.27 11.64 -6.20
CA GLY A 230 -13.95 11.87 -6.76
C GLY A 230 -13.77 11.14 -8.08
N SER A 231 -13.10 11.80 -9.02
CA SER A 231 -12.85 11.22 -10.33
C SER A 231 -11.67 11.93 -10.98
N LEU A 232 -11.05 11.25 -11.94
CA LEU A 232 -9.98 11.82 -12.73
C LEU A 232 -10.39 12.07 -14.17
N TYR A 233 -11.66 11.83 -14.49
CA TYR A 233 -12.12 11.88 -15.86
C TYR A 233 -13.63 12.04 -15.84
N GLY A 235 -17.16 11.45 -16.20
CA GLY A 235 -17.91 10.21 -16.43
C GLY A 235 -19.32 10.39 -16.94
N LYS A 236 -20.15 9.35 -16.78
CA LYS A 236 -21.50 9.34 -17.32
C LYS A 236 -22.51 10.00 -16.38
N GLU A 237 -22.12 10.41 -15.19
CA GLU A 237 -23.01 11.03 -14.23
C GLU A 237 -22.34 12.25 -13.62
N THR A 238 -23.11 13.32 -13.47
CA THR A 238 -22.65 14.52 -12.79
C THR A 238 -23.17 14.51 -11.36
N MET A 241 -22.32 16.80 -3.70
CA MET A 241 -22.32 16.20 -2.38
C MET A 241 -22.44 17.24 -1.27
N VAL A 242 -23.28 16.96 -0.28
CA VAL A 242 -23.38 17.80 0.91
C VAL A 242 -22.39 17.28 1.96
N ILE A 243 -21.61 18.19 2.54
CA ILE A 243 -20.65 17.85 3.56
C ILE A 243 -20.82 18.81 4.73
N PHE A 244 -20.28 18.42 5.88
CA PHE A 244 -20.36 19.22 7.10
C PHE A 244 -18.97 19.35 7.70
N GLY A 245 -18.71 20.49 8.33
CA GLY A 245 -17.46 20.69 9.01
C GLY A 245 -17.48 21.91 9.90
N ARG A 246 -16.29 22.28 10.38
CA ARG A 246 -16.11 23.42 11.26
C ARG A 246 -15.89 24.68 10.43
N ASP A 247 -16.75 25.68 10.60
CA ASP A 247 -16.51 26.97 9.97
C ASP A 247 -15.16 27.52 10.43
N VAL A 248 -14.35 28.00 9.47
CA VAL A 248 -12.99 28.41 9.80
C VAL A 248 -13.00 29.61 10.73
N VAL A 249 -13.85 30.60 10.45
CA VAL A 249 -13.84 31.82 11.23
C VAL A 249 -14.46 31.61 12.60
N THR A 250 -15.68 31.05 12.64
CA THR A 250 -16.42 30.98 13.89
C THR A 250 -16.28 29.65 14.62
N GLY A 251 -15.84 28.59 13.94
CA GLY A 251 -15.82 27.27 14.54
C GLY A 251 -17.16 26.56 14.57
N MET A 252 -18.22 27.23 14.14
CA MET A 252 -19.56 26.65 14.22
C MET A 252 -19.70 25.53 13.18
N PRO A 253 -20.47 24.48 13.51
CA PRO A 253 -20.79 23.47 12.49
C PRO A 253 -21.46 24.11 11.28
N GLU A 255 -22.59 23.62 6.85
CA GLU A 255 -22.88 22.71 5.74
C GLU A 255 -22.50 23.40 4.41
N THR A 256 -22.00 22.62 3.45
CA THR A 256 -21.74 23.18 2.13
C THR A 256 -21.84 22.06 1.10
N GLU A 257 -21.99 22.44 -0.16
CA GLU A 257 -22.09 21.49 -1.26
C GLU A 257 -20.81 21.51 -2.07
N ILE A 258 -20.33 20.32 -2.41
CA ILE A 258 -19.09 20.12 -3.16
C ILE A 258 -19.45 19.49 -4.50
N LEU A 259 -18.93 20.06 -5.58
CA LEU A 259 -19.22 19.57 -6.94
C LEU A 259 -18.15 18.59 -7.37
N ASP A 260 -18.56 17.56 -8.14
CA ASP A 260 -17.57 16.60 -8.63
C ASP A 260 -16.55 17.28 -9.53
N SER A 261 -16.93 18.38 -10.19
CA SER A 261 -16.02 19.05 -11.11
C SER A 261 -14.84 19.70 -10.38
N GLU A 262 -15.09 20.29 -9.20
CA GLU A 262 -13.97 20.90 -8.50
C GLU A 262 -13.04 19.85 -7.90
N ILE A 263 -13.60 18.72 -7.45
CA ILE A 263 -12.76 17.64 -6.95
C ILE A 263 -11.98 16.98 -8.09
N ARG A 264 -12.57 16.92 -9.28
CA ARG A 264 -11.86 16.36 -10.44
C ARG A 264 -10.65 17.20 -10.79
N LEU A 266 -9.01 19.14 -8.82
CA LEU A 266 -8.05 18.95 -7.74
C LEU A 266 -7.27 17.65 -7.89
N LEU A 267 -7.98 16.55 -8.16
CA LEU A 267 -7.32 15.25 -8.28
C LEU A 267 -6.37 15.24 -9.48
N ILE A 268 -6.79 15.83 -10.60
CA ILE A 268 -5.91 15.92 -11.77
C ILE A 268 -4.63 16.66 -11.40
N SER A 269 -4.77 17.75 -10.64
CA SER A 269 -3.59 18.52 -10.24
C SER A 269 -2.67 17.68 -9.34
N ILE A 270 -3.25 16.89 -8.44
CA ILE A 270 -2.43 16.04 -7.58
C ILE A 270 -1.70 14.98 -8.40
N PHE A 271 -2.40 14.40 -9.39
CA PHE A 271 -1.85 13.27 -10.13
C PHE A 271 -0.75 13.67 -11.10
N SER A 272 -0.48 14.96 -11.28
CA SER A 272 0.72 15.38 -12.02
C SER A 272 1.98 14.70 -11.48
N SER A 273 2.04 14.47 -10.17
CA SER A 273 3.18 13.79 -9.57
C SER A 273 3.20 12.32 -9.99
N ILE A 274 2.02 11.71 -10.14
CA ILE A 274 1.95 10.29 -10.46
C ILE A 274 2.22 10.04 -11.95
N THR A 275 1.74 10.94 -12.82
CA THR A 275 2.11 10.80 -14.23
C THR A 275 3.59 11.12 -14.46
N GLN A 276 4.18 11.99 -13.64
CA GLN A 276 5.61 12.21 -13.75
C GLN A 276 6.39 10.97 -13.32
N LEU A 277 5.91 10.28 -12.28
CA LEU A 277 6.55 9.02 -11.88
C LEU A 277 6.48 7.98 -13.01
N VAL A 278 5.31 7.84 -13.64
CA VAL A 278 5.19 6.87 -14.72
C VAL A 278 6.08 7.26 -15.90
N THR A 279 6.14 8.56 -16.20
CA THR A 279 7.04 9.03 -17.25
C THR A 279 8.48 8.68 -16.93
N ASP A 280 8.88 8.86 -15.67
CA ASP A 280 10.24 8.51 -15.25
C ASP A 280 10.51 7.03 -15.47
N ILE A 281 9.57 6.18 -15.09
CA ILE A 281 9.75 4.75 -15.28
C ILE A 281 9.78 4.41 -16.76
N LEU A 282 8.82 4.94 -17.53
CA LEU A 282 8.77 4.65 -18.97
C LEU A 282 10.03 5.14 -19.67
N GLU A 283 10.58 6.29 -19.23
CA GLU A 283 11.84 6.79 -19.80
C GLU A 283 13.01 5.85 -19.53
N SER A 284 12.87 4.93 -18.58
CA SER A 284 13.90 3.96 -18.24
C SER A 284 13.69 2.61 -18.89
N THR A 285 12.72 2.49 -19.79
CA THR A 285 12.42 1.20 -20.40
C THR A 285 13.56 0.78 -21.32
N PRO A 286 14.13 -0.41 -21.14
CA PRO A 286 15.14 -0.88 -22.09
C PRO A 286 14.55 -1.07 -23.48
N ALA A 287 15.40 -0.93 -24.49
CA ALA A 287 14.96 -1.06 -25.88
C ALA A 287 14.22 -2.37 -26.10
N GLU A 288 14.68 -3.44 -25.46
CA GLU A 288 14.09 -4.76 -25.66
C GLU A 288 12.68 -4.86 -25.13
N LEU A 289 12.28 -3.96 -24.22
CA LEU A 289 10.96 -4.00 -23.62
C LEU A 289 10.05 -2.87 -24.08
N ALA A 290 10.54 -1.99 -24.97
CA ALA A 290 9.73 -0.85 -25.41
C ALA A 290 8.44 -1.30 -26.09
N GLY A 291 8.50 -2.38 -26.87
CA GLY A 291 7.29 -2.88 -27.50
C GLY A 291 6.24 -3.33 -26.51
N ASP A 292 6.67 -3.93 -25.40
CA ASP A 292 5.72 -4.38 -24.39
C ASP A 292 5.04 -3.21 -23.71
N ALA A 293 5.77 -2.11 -23.50
CA ALA A 293 5.16 -0.93 -22.90
C ALA A 293 4.08 -0.34 -23.81
N VAL A 294 4.36 -0.28 -25.12
CA VAL A 294 3.40 0.33 -26.03
C VAL A 294 2.21 -0.59 -26.26
N MET A 295 2.46 -1.90 -26.44
CA MET A 295 1.39 -2.81 -26.80
CA MET A 295 1.39 -2.82 -26.81
C MET A 295 0.62 -3.33 -25.58
N ASN A 296 1.31 -3.60 -24.48
CA ASN A 296 0.65 -4.13 -23.30
C ASN A 296 0.28 -3.07 -22.27
N GLY A 297 1.07 -2.01 -22.12
CA GLY A 297 0.68 -0.91 -21.26
C GLY A 297 0.85 -1.20 -19.77
N LEU A 298 0.06 -0.49 -18.98
CA LEU A 298 0.23 -0.44 -17.53
C LEU A 298 -0.79 -1.30 -16.79
N LEU A 299 -0.35 -1.87 -15.68
CA LEU A 299 -1.22 -2.53 -14.72
C LEU A 299 -1.23 -1.70 -13.45
N VAL A 300 -2.40 -1.45 -12.89
CA VAL A 300 -2.56 -0.52 -11.77
C VAL A 300 -3.16 -1.25 -10.58
N SER A 301 -2.48 -1.18 -9.44
CA SER A 301 -2.94 -1.79 -8.21
C SER A 301 -2.86 -0.77 -7.08
N GLY A 302 -3.24 -1.20 -5.88
CA GLY A 302 -3.24 -0.33 -4.72
C GLY A 302 -4.62 0.22 -4.41
N GLY A 303 -4.72 0.85 -3.23
CA GLY A 303 -6.00 1.34 -2.76
C GLY A 303 -6.64 2.40 -3.64
N CYS A 304 -5.83 3.24 -4.28
CA CYS A 304 -6.33 4.31 -5.14
C CYS A 304 -6.55 3.88 -6.58
N ALA A 305 -6.31 2.62 -6.91
CA ALA A 305 -6.55 2.17 -8.28
C ALA A 305 -8.02 2.25 -8.65
N GLN A 306 -8.91 2.34 -7.67
CA GLN A 306 -10.35 2.36 -7.90
C GLN A 306 -10.92 3.77 -8.04
N ILE A 307 -10.07 4.80 -8.06
CA ILE A 307 -10.56 6.15 -8.31
C ILE A 307 -11.22 6.19 -9.68
N SER A 308 -12.43 6.72 -9.74
CA SER A 308 -13.19 6.74 -10.98
CA SER A 308 -13.19 6.74 -10.98
C SER A 308 -12.43 7.50 -12.06
N GLY A 309 -12.40 6.93 -13.27
CA GLY A 309 -11.76 7.55 -14.41
C GLY A 309 -10.25 7.43 -14.46
N LEU A 310 -9.63 6.68 -13.54
CA LEU A 310 -8.18 6.55 -13.53
C LEU A 310 -7.65 5.91 -14.81
N GLU A 312 -9.10 5.83 -17.85
CA GLU A 312 -9.28 6.78 -18.94
C GLU A 312 -8.29 7.94 -18.87
N PHE A 313 -8.06 8.45 -17.65
CA PHE A 313 -7.11 9.54 -17.46
C PHE A 313 -5.70 9.12 -17.89
N LEU A 314 -5.28 7.92 -17.48
CA LEU A 314 -3.92 7.47 -17.79
C LEU A 314 -3.78 7.07 -19.25
N GLU A 315 -4.81 6.42 -19.81
CA GLU A 315 -4.77 6.07 -21.23
C GLU A 315 -4.73 7.32 -22.10
N SER A 316 -5.46 8.36 -21.71
CA SER A 316 -5.45 9.60 -22.49
C SER A 316 -4.08 10.24 -22.47
N TYR A 317 -3.41 10.24 -21.31
CA TYR A 317 -2.13 10.91 -21.19
C TYR A 317 -1.00 10.13 -21.86
N PHE A 318 -0.96 8.82 -21.66
CA PHE A 318 0.16 8.03 -22.15
C PHE A 318 -0.11 7.32 -23.48
N GLN A 319 -1.37 7.20 -23.89
CA GLN A 319 -1.72 6.55 -25.16
C GLN A 319 -1.19 5.12 -25.21
N ILE A 320 -1.27 4.43 -24.08
CA ILE A 320 -0.98 3.01 -23.98
C ILE A 320 -2.10 2.37 -23.17
N PRO A 321 -2.31 1.06 -23.30
CA PRO A 321 -3.40 0.42 -22.56
C PRO A 321 -3.17 0.48 -21.06
N VAL A 322 -4.27 0.68 -20.32
CA VAL A 322 -4.20 0.67 -18.87
C VAL A 322 -5.23 -0.33 -18.35
N ILE A 324 -6.88 -1.89 -14.75
CA ILE A 324 -7.02 -1.81 -13.30
C ILE A 324 -7.10 -3.23 -12.76
N ALA A 325 -6.31 -3.52 -11.73
CA ALA A 325 -6.31 -4.85 -11.14
C ALA A 325 -7.69 -5.20 -10.60
N LYS A 326 -8.03 -6.49 -10.65
CA LYS A 326 -9.29 -6.95 -10.10
C LYS A 326 -9.31 -6.86 -8.57
N ASN A 327 -8.15 -6.97 -7.95
CA ASN A 327 -8.02 -7.01 -6.49
C ASN A 327 -7.01 -5.97 -6.03
N PRO A 328 -7.22 -4.69 -6.36
CA PRO A 328 -6.15 -3.70 -6.14
C PRO A 328 -5.81 -3.50 -4.68
N GLN A 329 -6.78 -3.61 -3.78
CA GLN A 329 -6.51 -3.39 -2.37
C GLN A 329 -5.65 -4.50 -1.76
N THR A 330 -5.61 -5.67 -2.37
CA THR A 330 -4.91 -6.82 -1.79
C THR A 330 -3.87 -7.42 -2.74
N ALA A 331 -3.45 -6.67 -3.77
CA ALA A 331 -2.60 -7.25 -4.81
C ALA A 331 -1.29 -7.76 -4.22
N VAL A 332 -0.70 -7.03 -3.28
CA VAL A 332 0.61 -7.43 -2.75
C VAL A 332 0.52 -8.75 -1.99
N ILE A 333 -0.43 -8.85 -1.05
CA ILE A 333 -0.55 -10.07 -0.25
C ILE A 333 -1.06 -11.22 -1.12
N ASP A 334 -1.98 -10.94 -2.04
CA ASP A 334 -2.43 -11.99 -2.95
C ASP A 334 -1.26 -12.53 -3.77
N GLY A 335 -0.33 -11.65 -4.16
CA GLY A 335 0.87 -12.12 -4.84
C GLY A 335 1.79 -12.93 -3.94
N CYS A 336 1.92 -12.52 -2.67
CA CYS A 336 2.66 -13.34 -1.71
C CYS A 336 2.05 -14.73 -1.59
N ILE A 337 0.73 -14.80 -1.49
CA ILE A 337 0.06 -16.10 -1.39
C ILE A 337 0.33 -16.93 -2.64
N ALA A 338 0.29 -16.30 -3.81
CA ALA A 338 0.59 -17.04 -5.04
C ALA A 338 2.07 -17.41 -5.11
N TYR A 339 2.93 -16.63 -4.46
CA TYR A 339 4.37 -16.87 -4.46
C TYR A 339 4.79 -18.02 -3.54
N GLU A 340 3.86 -18.56 -2.74
CA GLU A 340 4.20 -19.72 -1.91
C GLU A 340 4.72 -20.87 -2.75
N LYS A 341 4.08 -21.12 -3.89
CA LYS A 341 4.51 -22.20 -4.78
C LYS A 341 5.94 -22.00 -5.25
N GLU A 342 6.28 -20.78 -5.69
CA GLU A 342 7.61 -20.52 -6.23
C GLU A 342 8.69 -20.80 -5.19
N ILE A 343 8.47 -20.36 -3.95
CA ILE A 343 9.45 -20.62 -2.88
C ILE A 343 9.55 -22.11 -2.61
N ARG A 344 8.39 -22.77 -2.43
CA ARG A 344 8.39 -24.21 -2.19
C ARG A 344 8.93 -24.98 -3.40
N ASP A 345 8.59 -24.53 -4.60
CA ASP A 345 9.09 -25.20 -5.81
C ASP A 345 10.61 -25.10 -5.88
N ARG A 346 11.15 -23.89 -5.79
CA ARG A 346 12.59 -23.68 -5.89
C ARG A 346 13.36 -24.31 -4.74
N LEU A 347 12.67 -24.78 -3.70
CA LEU A 347 13.33 -25.47 -2.59
C LEU A 347 13.48 -26.95 -2.90
#